data_3JZJ
#
_entry.id   3JZJ
#
_cell.length_a   72.093
_cell.length_b   72.093
_cell.length_c   160.386
_cell.angle_alpha   90.000
_cell.angle_beta   90.000
_cell.angle_gamma   90.000
#
_symmetry.space_group_name_H-M   'P 41 21 2'
#
loop_
_entity.id
_entity.type
_entity.pdbx_description
1 polymer 'Acarbose/maltose binding protein GacH'
2 branched 4,6-dideoxy-4-{[(1S,4R,5S,6S)-4,5,6-trihydroxy-3-(hydroxymethyl)cyclohex-2-en-1-yl]amino}-alpha-D-glucopyranose-(1-4)-alpha-D-glucopyranose-(1-4)-alpha-D-glucopyranose
3 non-polymer 'SULFATE ION'
4 water water
#
_entity_poly.entity_id   1
_entity_poly.type   'polypeptide(L)'
_entity_poly.pdbx_seq_one_letter_code
;MGSSHHHHHHSSGLVPRGSHMELSGTVTFWDTSNEAEKATYQALAEGFEKEHPKVDVKYVNVPFGEANAKFKNAAGGNSG
APDVMRTEVAWVADFASIGYLAPLDGTPALDDGSDHLPQAAASTRYEGKTYAVPQVIDTLALFYNKELLTKAGVEVPGSV
AELKTAAAEITEKTGATGLYLRGDDPYWFLPYLYGEGGDLVDEKNKTVTVDDEAGVRAYRVIKDLVDSKAAITDASDGWN
NMQNAFKSGKVAMMVNGPWAIEDVKAGARFKDAGNLGVAPVPAGSAGQGSPQGGWNLSVYAGSKNLDASYAFVKYMSSAK
VQQQTTEKLSLLPTRTSVYEVPSVADNEMVKFFKPAVDKAVERPWIAEGNALFEPIRLQMANVLSGETSPDEAAANTGDA
YRKLLKDYK
;
_entity_poly.pdbx_strand_id   A
#
# COMPACT_ATOMS: atom_id res chain seq x y z
N GLU A 22 24.45 -27.01 -3.22
CA GLU A 22 25.06 -26.20 -2.10
C GLU A 22 24.78 -24.70 -2.13
N LEU A 23 24.07 -24.24 -1.10
CA LEU A 23 23.96 -22.84 -0.79
C LEU A 23 24.64 -22.61 0.53
N SER A 24 25.37 -21.51 0.63
CA SER A 24 25.98 -21.19 1.91
C SER A 24 26.22 -19.69 1.99
N GLY A 25 26.52 -19.20 3.20
CA GLY A 25 26.95 -17.79 3.38
C GLY A 25 25.86 -16.88 3.91
N THR A 26 26.16 -15.60 3.91
CA THR A 26 25.22 -14.63 4.46
C THR A 26 24.21 -14.16 3.40
N VAL A 27 22.95 -14.05 3.81
CA VAL A 27 21.92 -13.35 3.02
C VAL A 27 21.29 -12.34 3.99
N THR A 28 21.60 -11.08 3.79
CA THR A 28 21.02 -10.00 4.61
C THR A 28 19.76 -9.57 3.91
N PHE A 29 18.68 -9.56 4.67
CA PHE A 29 17.34 -9.24 4.15
C PHE A 29 16.85 -8.04 4.90
N TRP A 30 16.57 -6.98 4.11
CA TRP A 30 15.90 -5.76 4.67
C TRP A 30 14.41 -5.83 4.39
N ASP A 31 13.66 -5.88 5.49
CA ASP A 31 12.18 -5.96 5.46
C ASP A 31 11.63 -4.62 5.99
N THR A 32 10.62 -4.10 5.32
CA THR A 32 9.97 -2.86 5.73
C THR A 32 8.65 -3.09 6.47
N SER A 33 8.29 -4.34 6.71
CA SER A 33 6.98 -4.63 7.34
C SER A 33 6.84 -3.94 8.69
N ASN A 34 5.57 -3.69 9.10
CA ASN A 34 5.31 -2.87 10.27
C ASN A 34 5.39 -3.69 11.59
N GLU A 35 5.10 -2.99 12.68
CA GLU A 35 5.32 -3.54 14.02
C GLU A 35 4.50 -4.83 14.21
N ALA A 36 3.32 -4.93 13.59
CA ALA A 36 2.44 -6.09 13.75
C ALA A 36 2.85 -7.24 12.83
N GLU A 37 3.54 -6.89 11.73
CA GLU A 37 3.88 -7.88 10.71
C GLU A 37 5.27 -8.49 10.91
N LYS A 38 6.17 -7.74 11.56
CA LYS A 38 7.63 -8.02 11.51
C LYS A 38 8.05 -9.29 12.21
N ALA A 39 7.36 -9.71 13.25
CA ALA A 39 7.77 -10.96 13.94
C ALA A 39 7.51 -12.14 13.01
N THR A 40 6.40 -12.05 12.27
CA THR A 40 6.04 -13.10 11.33
C THR A 40 7.06 -13.16 10.17
N TYR A 41 7.37 -12.01 9.59
CA TYR A 41 8.30 -11.99 8.47
C TYR A 41 9.72 -12.39 8.91
N GLN A 42 10.15 -12.02 10.12
CA GLN A 42 11.47 -12.48 10.56
C GLN A 42 11.46 -14.00 10.70
N ALA A 43 10.42 -14.60 11.31
CA ALA A 43 10.33 -16.07 11.39
C ALA A 43 10.35 -16.76 10.02
N LEU A 44 9.60 -16.21 9.05
CA LEU A 44 9.63 -16.78 7.73
C LEU A 44 11.01 -16.72 7.07
N ALA A 45 11.64 -15.55 7.16
CA ALA A 45 12.99 -15.37 6.62
C ALA A 45 13.97 -16.38 7.24
N GLU A 46 13.96 -16.49 8.57
CA GLU A 46 14.93 -17.39 9.18
CA GLU A 46 14.89 -17.40 9.30
C GLU A 46 14.60 -18.84 8.90
N GLY A 47 13.36 -19.12 8.50
CA GLY A 47 12.97 -20.47 8.12
C GLY A 47 13.66 -20.96 6.87
N PHE A 48 14.27 -20.08 6.09
CA PHE A 48 15.07 -20.50 4.95
C PHE A 48 16.22 -21.40 5.40
N GLU A 49 16.66 -21.20 6.64
CA GLU A 49 17.81 -21.98 7.21
C GLU A 49 17.45 -23.41 7.54
N LYS A 50 16.17 -23.71 7.73
CA LYS A 50 15.76 -25.11 7.92
C LYS A 50 16.28 -26.00 6.81
N GLU A 51 16.03 -25.59 5.57
CA GLU A 51 16.41 -26.39 4.43
C GLU A 51 17.83 -26.08 3.97
N HIS A 52 18.37 -24.93 4.36
CA HIS A 52 19.76 -24.55 3.98
C HIS A 52 20.54 -24.12 5.20
N PRO A 53 20.91 -25.09 6.05
CA PRO A 53 21.55 -24.75 7.31
C PRO A 53 22.91 -24.06 7.18
N LYS A 54 23.55 -24.09 6.01
CA LYS A 54 24.83 -23.36 5.87
C LYS A 54 24.66 -21.90 5.44
N VAL A 55 23.40 -21.48 5.25
CA VAL A 55 23.13 -20.05 4.99
C VAL A 55 22.76 -19.37 6.28
N ASP A 56 23.36 -18.21 6.50
CA ASP A 56 22.99 -17.36 7.65
C ASP A 56 22.14 -16.21 7.18
N VAL A 57 20.87 -16.27 7.53
CA VAL A 57 19.94 -15.17 7.22
C VAL A 57 20.03 -14.09 8.27
N LYS A 58 20.36 -12.90 7.80
CA LYS A 58 20.48 -11.74 8.71
C LYS A 58 19.31 -10.83 8.41
N TYR A 59 18.26 -10.97 9.23
CA TYR A 59 17.02 -10.18 9.11
C TYR A 59 17.26 -8.77 9.69
N VAL A 60 16.85 -7.76 8.94
CA VAL A 60 16.88 -6.38 9.47
C VAL A 60 15.53 -5.73 9.16
N ASN A 61 14.90 -5.07 10.16
CA ASN A 61 13.70 -4.33 9.85
C ASN A 61 14.05 -2.86 9.63
N VAL A 62 13.58 -2.29 8.53
CA VAL A 62 13.92 -0.91 8.14
C VAL A 62 12.59 -0.18 7.99
N PRO A 63 12.36 0.90 8.80
CA PRO A 63 11.11 1.63 8.66
C PRO A 63 10.77 2.03 7.24
N PHE A 64 9.51 1.90 6.87
CA PHE A 64 9.06 2.18 5.51
C PHE A 64 9.54 3.54 4.99
N GLY A 65 9.37 4.59 5.80
CA GLY A 65 9.73 5.99 5.37
C GLY A 65 11.23 6.22 5.22
N GLU A 66 12.05 5.33 5.74
CA GLU A 66 13.50 5.48 5.66
C GLU A 66 14.10 4.57 4.62
N ALA A 67 13.37 3.53 4.19
CA ALA A 67 13.97 2.41 3.49
C ALA A 67 14.45 2.70 2.07
N ASN A 68 13.68 3.50 1.34
CA ASN A 68 14.09 3.88 -0.02
C ASN A 68 15.45 4.61 0.01
N ALA A 69 15.54 5.64 0.84
CA ALA A 69 16.81 6.38 1.01
C ALA A 69 17.92 5.53 1.58
N LYS A 70 17.61 4.64 2.52
CA LYS A 70 18.65 3.81 3.11
C LYS A 70 19.25 2.85 2.07
N PHE A 71 18.39 2.29 1.24
CA PHE A 71 18.87 1.36 0.24
C PHE A 71 19.67 2.13 -0.80
N LYS A 72 19.14 3.27 -1.25
CA LYS A 72 19.92 4.06 -2.25
C LYS A 72 21.29 4.47 -1.71
N ASN A 73 21.35 4.86 -0.44
CA ASN A 73 22.62 5.28 0.15
C ASN A 73 23.61 4.12 0.18
N ALA A 74 23.13 2.95 0.59
CA ALA A 74 24.02 1.78 0.69
C ALA A 74 24.46 1.27 -0.69
N ALA A 75 23.50 1.15 -1.62
CA ALA A 75 23.76 0.69 -2.98
C ALA A 75 24.67 1.66 -3.73
N GLY A 76 24.49 2.96 -3.53
CA GLY A 76 25.28 3.99 -4.22
C GLY A 76 26.69 4.08 -3.68
N GLY A 77 26.87 3.64 -2.43
CA GLY A 77 28.21 3.58 -1.81
C GLY A 77 28.84 2.20 -1.82
N ASN A 78 28.11 1.23 -2.35
CA ASN A 78 28.47 -0.17 -2.22
C ASN A 78 28.92 -0.42 -0.79
N SER A 79 28.03 -0.18 0.16
CA SER A 79 28.45 -0.18 1.57
C SER A 79 27.28 -0.58 2.44
N GLY A 80 27.32 -1.82 2.94
CA GLY A 80 26.32 -2.35 3.84
C GLY A 80 24.97 -2.50 3.19
N ALA A 81 24.93 -2.74 1.88
CA ALA A 81 23.67 -2.93 1.20
C ALA A 81 23.15 -4.33 1.49
N PRO A 82 21.83 -4.50 1.55
CA PRO A 82 21.30 -5.84 1.84
C PRO A 82 21.47 -6.69 0.59
N ASP A 83 21.48 -7.99 0.77
CA ASP A 83 21.39 -8.91 -0.39
C ASP A 83 20.02 -8.94 -1.04
N VAL A 84 19.00 -8.99 -0.18
CA VAL A 84 17.59 -9.02 -0.63
C VAL A 84 16.84 -7.87 0.04
N MET A 85 16.07 -7.16 -0.79
CA MET A 85 15.31 -5.96 -0.34
C MET A 85 13.83 -6.17 -0.57
N ARG A 86 13.03 -5.96 0.47
CA ARG A 86 11.58 -5.89 0.28
C ARG A 86 11.33 -4.59 -0.45
N THR A 87 10.82 -4.67 -1.68
CA THR A 87 10.81 -3.53 -2.63
C THR A 87 9.35 -3.17 -2.97
N GLU A 88 8.96 -1.95 -2.56
CA GLU A 88 7.62 -1.49 -2.80
C GLU A 88 7.34 -1.52 -4.32
N VAL A 89 6.09 -1.71 -4.73
CA VAL A 89 5.83 -1.78 -6.16
C VAL A 89 6.45 -0.64 -6.96
N ALA A 90 6.41 0.61 -6.45
CA ALA A 90 6.99 1.77 -7.16
C ALA A 90 8.50 1.81 -7.12
N TRP A 91 9.07 1.11 -6.13
CA TRP A 91 10.53 1.18 -5.96
C TRP A 91 11.27 0.35 -6.98
N VAL A 92 10.58 -0.62 -7.59
CA VAL A 92 11.29 -1.45 -8.57
C VAL A 92 11.90 -0.61 -9.70
N ALA A 93 11.06 0.18 -10.36
CA ALA A 93 11.54 1.04 -11.46
C ALA A 93 12.46 2.13 -10.93
N ASP A 94 12.17 2.67 -9.76
CA ASP A 94 13.03 3.64 -9.08
C ASP A 94 14.48 3.07 -8.97
N PHE A 95 14.64 1.93 -8.29
CA PHE A 95 15.95 1.35 -8.05
C PHE A 95 16.59 0.82 -9.32
N ALA A 96 15.80 0.13 -10.14
CA ALA A 96 16.31 -0.49 -11.37
C ALA A 96 16.84 0.57 -12.32
N SER A 97 16.15 1.72 -12.43
CA SER A 97 16.56 2.83 -13.33
C SER A 97 17.96 3.38 -13.03
N ILE A 98 18.46 3.09 -11.83
CA ILE A 98 19.79 3.55 -11.45
C ILE A 98 20.78 2.40 -11.22
N GLY A 99 20.38 1.21 -11.66
CA GLY A 99 21.24 0.00 -11.72
C GLY A 99 21.48 -0.76 -10.42
N TYR A 100 20.57 -0.58 -9.45
CA TYR A 100 20.85 -1.09 -8.09
C TYR A 100 20.32 -2.51 -7.88
N LEU A 101 19.55 -3.00 -8.86
CA LEU A 101 18.95 -4.34 -8.76
C LEU A 101 19.50 -5.31 -9.79
N ALA A 102 19.73 -6.53 -9.32
CA ALA A 102 20.15 -7.62 -10.18
C ALA A 102 19.00 -8.02 -11.11
N PRO A 103 19.25 -8.18 -12.40
CA PRO A 103 18.14 -8.67 -13.19
C PRO A 103 17.91 -10.12 -12.85
N LEU A 104 16.68 -10.59 -12.95
CA LEU A 104 16.35 -11.92 -12.45
C LEU A 104 16.02 -12.95 -13.51
N ASP A 105 15.85 -12.53 -14.76
CA ASP A 105 15.48 -13.46 -15.85
C ASP A 105 16.57 -14.51 -16.01
N GLY A 106 16.17 -15.77 -16.07
CA GLY A 106 17.07 -16.90 -16.28
C GLY A 106 17.78 -17.34 -15.01
N THR A 107 17.37 -16.76 -13.87
CA THR A 107 17.97 -17.10 -12.57
C THR A 107 16.98 -18.00 -11.82
N PRO A 108 17.46 -18.75 -10.80
CA PRO A 108 16.61 -19.54 -9.91
C PRO A 108 15.60 -18.72 -9.08
N ALA A 109 15.68 -17.39 -9.10
CA ALA A 109 14.72 -16.56 -8.38
C ALA A 109 13.30 -16.67 -8.97
N LEU A 110 13.23 -17.07 -10.23
CA LEU A 110 11.95 -17.16 -10.92
C LEU A 110 11.54 -18.62 -11.03
N ASP A 111 10.44 -18.94 -10.36
CA ASP A 111 9.83 -20.26 -10.37
C ASP A 111 8.35 -20.06 -10.44
N ASP A 112 7.69 -20.78 -11.35
CA ASP A 112 6.26 -20.65 -11.55
C ASP A 112 5.84 -19.17 -11.60
N GLY A 113 6.49 -18.40 -12.50
CA GLY A 113 6.19 -16.99 -12.69
C GLY A 113 4.74 -16.70 -13.07
N SER A 114 4.16 -17.60 -13.88
CA SER A 114 2.79 -17.45 -14.43
C SER A 114 1.69 -17.44 -13.36
N ASP A 115 2.02 -18.00 -12.19
CA ASP A 115 1.11 -18.09 -11.05
C ASP A 115 0.70 -16.71 -10.54
N HIS A 116 1.53 -15.70 -10.78
CA HIS A 116 1.28 -14.38 -10.23
C HIS A 116 0.21 -13.63 -11.01
N LEU A 117 -0.69 -12.97 -10.27
CA LEU A 117 -1.56 -11.94 -10.85
C LEU A 117 -0.79 -11.03 -11.80
N PRO A 118 -1.33 -10.80 -13.01
CA PRO A 118 -0.68 -9.95 -14.03
C PRO A 118 -0.29 -8.55 -13.54
N GLN A 119 -1.16 -7.88 -12.77
CA GLN A 119 -0.88 -6.51 -12.30
C GLN A 119 0.23 -6.50 -11.26
N ALA A 120 0.41 -7.68 -10.62
CA ALA A 120 1.53 -7.90 -9.73
C ALA A 120 2.80 -8.00 -10.58
N ALA A 121 2.70 -8.79 -11.64
CA ALA A 121 3.87 -9.02 -12.49
C ALA A 121 4.35 -7.72 -13.20
N ALA A 122 3.45 -6.82 -13.56
CA ALA A 122 3.86 -5.56 -14.22
C ALA A 122 4.79 -4.67 -13.37
N SER A 123 4.55 -4.65 -12.06
CA SER A 123 5.40 -3.87 -11.17
C SER A 123 6.83 -4.39 -11.01
N THR A 124 7.09 -5.61 -11.51
CA THR A 124 8.40 -6.25 -11.38
C THR A 124 9.29 -5.97 -12.56
N ARG A 125 8.74 -5.32 -13.56
CA ARG A 125 9.40 -5.14 -14.86
C ARG A 125 9.91 -3.73 -15.06
N TYR A 126 11.09 -3.63 -15.64
CA TYR A 126 11.59 -2.32 -16.09
C TYR A 126 12.40 -2.52 -17.37
N GLU A 127 12.04 -1.74 -18.39
CA GLU A 127 12.72 -1.76 -19.70
C GLU A 127 12.95 -3.19 -20.22
N GLY A 128 11.89 -4.02 -20.15
CA GLY A 128 11.89 -5.37 -20.70
C GLY A 128 12.68 -6.42 -19.92
N LYS A 129 12.97 -6.13 -18.66
CA LYS A 129 13.69 -7.07 -17.81
C LYS A 129 12.94 -7.19 -16.47
N THR A 130 13.08 -8.35 -15.84
CA THR A 130 12.49 -8.58 -14.52
C THR A 130 13.46 -8.27 -13.39
N TYR A 131 13.08 -7.36 -12.50
CA TYR A 131 13.94 -6.97 -11.39
C TYR A 131 13.41 -7.31 -10.00
N ALA A 132 12.33 -8.09 -9.95
CA ALA A 132 11.74 -8.45 -8.65
C ALA A 132 10.80 -9.59 -8.82
N VAL A 133 10.36 -10.16 -7.70
CA VAL A 133 9.32 -11.20 -7.73
C VAL A 133 8.19 -10.72 -6.83
N PRO A 134 6.91 -10.93 -7.24
CA PRO A 134 5.83 -10.42 -6.38
C PRO A 134 5.77 -11.09 -5.02
N GLN A 135 5.41 -10.32 -3.98
CA GLN A 135 5.27 -10.85 -2.64
C GLN A 135 3.83 -10.74 -2.16
N VAL A 136 3.37 -9.51 -1.89
CA VAL A 136 1.96 -9.27 -1.48
C VAL A 136 1.37 -8.19 -2.42
N ILE A 137 0.06 -8.23 -2.59
CA ILE A 137 -0.66 -7.19 -3.32
C ILE A 137 -1.69 -6.59 -2.38
N ASP A 138 -2.03 -5.31 -2.57
CA ASP A 138 -2.97 -4.68 -1.69
C ASP A 138 -3.76 -3.57 -2.37
N THR A 139 -4.77 -3.10 -1.64
CA THR A 139 -5.49 -1.90 -1.99
C THR A 139 -6.03 -1.27 -0.71
N LEU A 140 -6.64 -0.07 -0.81
CA LEU A 140 -7.28 0.57 0.35
C LEU A 140 -8.73 0.19 0.40
N ALA A 141 -9.27 0.13 1.60
CA ALA A 141 -10.68 -0.19 1.86
C ALA A 141 -11.19 0.61 3.03
N LEU A 142 -12.51 0.60 3.22
CA LEU A 142 -13.13 1.29 4.37
C LEU A 142 -13.34 0.27 5.48
N PHE A 143 -12.55 0.45 6.55
CA PHE A 143 -12.76 -0.32 7.79
C PHE A 143 -13.74 0.37 8.67
N TYR A 144 -14.55 -0.43 9.37
CA TYR A 144 -15.55 0.16 10.25
C TYR A 144 -15.78 -0.66 11.50
N ASN A 145 -16.22 0.06 12.52
CA ASN A 145 -16.56 -0.51 13.83
C ASN A 145 -18.03 -0.92 13.77
N LYS A 146 -18.28 -2.23 13.70
CA LYS A 146 -19.66 -2.70 13.52
C LYS A 146 -20.60 -2.23 14.64
N GLU A 147 -20.15 -2.30 15.87
CA GLU A 147 -20.97 -1.88 17.00
C GLU A 147 -21.33 -0.41 16.97
N LEU A 148 -20.38 0.45 16.63
CA LEU A 148 -20.74 1.87 16.50
C LEU A 148 -21.76 2.14 15.43
N LEU A 149 -21.59 1.54 14.25
CA LEU A 149 -22.59 1.79 13.22
C LEU A 149 -23.98 1.29 13.62
N THR A 150 -24.02 0.12 14.24
CA THR A 150 -25.29 -0.45 14.71
C THR A 150 -25.90 0.48 15.72
N LYS A 151 -25.10 0.96 16.67
CA LYS A 151 -25.61 1.87 17.71
C LYS A 151 -26.10 3.19 17.12
N ALA A 152 -25.44 3.64 16.07
CA ALA A 152 -25.86 4.87 15.38
C ALA A 152 -27.07 4.65 14.47
N GLY A 153 -27.50 3.40 14.28
CA GLY A 153 -28.60 3.10 13.37
C GLY A 153 -28.31 3.32 11.91
N VAL A 154 -27.02 3.19 11.54
CA VAL A 154 -26.67 3.43 10.14
C VAL A 154 -26.10 2.21 9.47
N GLU A 155 -26.17 2.27 8.14
CA GLU A 155 -25.58 1.32 7.27
C GLU A 155 -24.14 1.71 6.87
N VAL A 156 -23.28 0.76 6.56
CA VAL A 156 -21.95 1.10 6.05
C VAL A 156 -22.12 1.98 4.78
N PRO A 157 -21.49 3.16 4.73
CA PRO A 157 -21.78 4.07 3.58
C PRO A 157 -21.08 3.62 2.30
N GLY A 158 -21.85 3.77 1.20
CA GLY A 158 -21.34 3.36 -0.12
C GLY A 158 -20.69 4.50 -0.87
N SER A 159 -21.04 5.72 -0.49
CA SER A 159 -20.54 6.94 -1.17
C SER A 159 -20.13 7.96 -0.13
N VAL A 160 -19.43 9.00 -0.59
CA VAL A 160 -19.12 10.15 0.27
C VAL A 160 -20.36 10.81 0.82
N ALA A 161 -21.35 10.97 -0.02
CA ALA A 161 -22.61 11.57 0.45
C ALA A 161 -23.21 10.76 1.62
N GLU A 162 -23.27 9.46 1.43
CA GLU A 162 -23.82 8.62 2.51
CA GLU A 162 -23.77 8.52 2.45
C GLU A 162 -22.88 8.61 3.71
N LEU A 163 -21.57 8.76 3.50
CA LEU A 163 -20.67 8.82 4.66
C LEU A 163 -20.91 10.06 5.50
N LYS A 164 -21.22 11.18 4.84
CA LYS A 164 -21.52 12.39 5.59
C LYS A 164 -22.79 12.22 6.39
N THR A 165 -23.83 11.67 5.79
CA THR A 165 -25.07 11.41 6.55
C THR A 165 -24.81 10.47 7.73
N ALA A 166 -24.10 9.37 7.46
CA ALA A 166 -23.76 8.48 8.53
C ALA A 166 -22.97 9.11 9.66
N ALA A 167 -21.99 9.93 9.31
CA ALA A 167 -21.12 10.53 10.32
C ALA A 167 -21.94 11.43 11.24
N ALA A 168 -22.91 12.18 10.71
CA ALA A 168 -23.72 13.04 11.54
C ALA A 168 -24.54 12.18 12.55
N GLU A 169 -25.08 11.06 12.10
CA GLU A 169 -25.81 10.18 13.01
C GLU A 169 -24.89 9.56 14.04
N ILE A 170 -23.67 9.16 13.64
CA ILE A 170 -22.72 8.59 14.59
C ILE A 170 -22.36 9.66 15.65
N THR A 171 -22.10 10.91 15.25
CA THR A 171 -21.85 11.91 16.29
C THR A 171 -23.07 12.12 17.22
N GLU A 172 -24.25 12.18 16.64
CA GLU A 172 -25.47 12.53 17.39
C GLU A 172 -25.88 11.42 18.33
N LYS A 173 -25.56 10.17 18.00
CA LYS A 173 -26.04 9.03 18.80
C LYS A 173 -24.96 8.40 19.69
N THR A 174 -23.71 8.51 19.28
CA THR A 174 -22.62 7.79 19.97
C THR A 174 -21.52 8.72 20.43
N GLY A 175 -21.46 9.96 19.91
CA GLY A 175 -20.39 10.89 20.22
C GLY A 175 -19.06 10.68 19.50
N ALA A 176 -18.93 9.56 18.79
CA ALA A 176 -17.73 9.35 17.99
C ALA A 176 -17.78 10.25 16.74
N THR A 177 -16.64 10.42 16.13
CA THR A 177 -16.55 11.01 14.79
C THR A 177 -16.75 9.91 13.77
N GLY A 178 -17.35 10.25 12.64
CA GLY A 178 -17.53 9.22 11.60
C GLY A 178 -16.23 8.61 11.10
N LEU A 179 -15.31 9.45 10.63
CA LEU A 179 -14.13 8.98 9.85
C LEU A 179 -12.83 9.56 10.37
N TYR A 180 -11.78 8.73 10.46
CA TYR A 180 -10.43 9.31 10.55
C TYR A 180 -9.95 9.37 9.09
N LEU A 181 -9.70 10.60 8.62
CA LEU A 181 -9.24 10.84 7.25
C LEU A 181 -7.72 11.07 7.33
N ARG A 182 -6.92 10.13 6.86
CA ARG A 182 -5.45 10.30 6.97
C ARG A 182 -5.00 11.47 6.10
N GLY A 183 -4.40 12.45 6.75
CA GLY A 183 -4.11 13.71 6.03
C GLY A 183 -2.67 13.94 5.66
N ASP A 184 -1.75 13.07 6.10
CA ASP A 184 -0.34 13.25 5.90
C ASP A 184 0.29 12.25 4.97
N ASP A 185 -0.48 11.36 4.34
CA ASP A 185 0.05 10.37 3.43
C ASP A 185 -0.74 10.50 2.12
N PRO A 186 -0.04 10.86 1.05
CA PRO A 186 -0.71 11.20 -0.21
C PRO A 186 -1.42 10.06 -0.87
N TYR A 187 -1.11 8.83 -0.45
CA TYR A 187 -1.77 7.70 -1.09
C TYR A 187 -3.28 7.71 -0.83
N TRP A 188 -3.66 8.31 0.28
CA TRP A 188 -5.05 8.37 0.73
C TRP A 188 -5.84 9.39 -0.11
N PHE A 189 -5.17 10.18 -0.94
CA PHE A 189 -5.92 11.07 -1.85
C PHE A 189 -6.55 10.29 -2.98
N LEU A 190 -5.96 9.17 -3.35
CA LEU A 190 -6.36 8.50 -4.57
C LEU A 190 -7.80 8.00 -4.60
N PRO A 191 -8.31 7.39 -3.53
CA PRO A 191 -9.72 7.04 -3.58
C PRO A 191 -10.64 8.21 -3.85
N TYR A 192 -10.33 9.39 -3.34
CA TYR A 192 -11.17 10.54 -3.58
C TYR A 192 -11.05 11.02 -5.01
N LEU A 193 -9.82 11.01 -5.54
CA LEU A 193 -9.60 11.37 -6.93
C LEU A 193 -10.39 10.46 -7.89
N TYR A 194 -10.21 9.16 -7.69
CA TYR A 194 -10.92 8.19 -8.54
C TYR A 194 -12.43 8.37 -8.38
N GLY A 195 -12.88 8.66 -7.17
CA GLY A 195 -14.34 8.79 -6.94
C GLY A 195 -14.96 10.00 -7.62
N GLU A 196 -14.12 11.00 -7.90
CA GLU A 196 -14.54 12.18 -8.64
C GLU A 196 -14.32 12.03 -10.14
N GLY A 197 -13.88 10.84 -10.56
CA GLY A 197 -13.70 10.62 -12.01
C GLY A 197 -12.35 10.97 -12.53
N GLY A 198 -11.34 11.00 -11.67
CA GLY A 198 -10.01 11.46 -12.09
C GLY A 198 -8.94 10.38 -11.99
N ASP A 199 -7.75 10.79 -12.41
CA ASP A 199 -6.55 9.92 -12.31
C ASP A 199 -5.32 10.83 -12.47
N LEU A 200 -4.17 10.28 -12.11
CA LEU A 200 -2.96 11.11 -12.09
C LEU A 200 -2.52 11.50 -13.50
N VAL A 201 -2.42 10.49 -14.37
CA VAL A 201 -1.97 10.69 -15.74
C VAL A 201 -2.73 9.76 -16.67
N ASP A 202 -2.78 10.16 -17.94
CA ASP A 202 -3.17 9.23 -18.99
C ASP A 202 -1.85 8.73 -19.59
N GLU A 203 -1.50 7.50 -19.22
CA GLU A 203 -0.20 6.90 -19.57
C GLU A 203 -0.05 6.71 -21.09
N LYS A 204 -1.07 6.13 -21.72
CA LYS A 204 -1.02 5.83 -23.17
C LYS A 204 -0.78 7.07 -23.99
N ASN A 205 -1.36 8.17 -23.50
CA ASN A 205 -1.33 9.41 -24.22
C ASN A 205 -0.33 10.42 -23.67
N LYS A 206 0.44 10.00 -22.67
CA LYS A 206 1.42 10.85 -21.96
C LYS A 206 0.85 12.23 -21.66
N THR A 207 -0.28 12.25 -20.95
CA THR A 207 -0.94 13.51 -20.62
C THR A 207 -1.19 13.55 -19.10
N VAL A 208 -0.78 14.65 -18.47
CA VAL A 208 -1.11 14.85 -17.04
C VAL A 208 -2.60 15.19 -16.91
N THR A 209 -3.28 14.46 -16.01
CA THR A 209 -4.74 14.65 -15.85
C THR A 209 -5.16 15.02 -14.44
N VAL A 210 -4.22 15.03 -13.50
CA VAL A 210 -4.59 15.28 -12.07
C VAL A 210 -5.20 16.65 -11.84
N ASP A 211 -4.93 17.60 -12.74
CA ASP A 211 -5.43 18.96 -12.60
C ASP A 211 -6.68 19.23 -13.45
N ASP A 212 -7.25 18.16 -14.02
CA ASP A 212 -8.64 18.25 -14.51
C ASP A 212 -9.60 18.55 -13.33
N GLU A 213 -10.84 18.87 -13.68
CA GLU A 213 -11.79 19.26 -12.63
C GLU A 213 -11.98 18.17 -11.58
N ALA A 214 -11.80 16.88 -11.91
CA ALA A 214 -11.91 15.84 -10.89
C ALA A 214 -10.92 16.08 -9.75
N GLY A 215 -9.73 16.59 -10.09
CA GLY A 215 -8.69 16.86 -9.02
C GLY A 215 -9.14 17.99 -8.10
N VAL A 216 -9.72 19.04 -8.66
CA VAL A 216 -10.27 20.13 -7.85
C VAL A 216 -11.37 19.55 -6.91
N ARG A 217 -12.29 18.78 -7.48
CA ARG A 217 -13.38 18.24 -6.69
C ARG A 217 -12.82 17.36 -5.58
N ALA A 218 -11.82 16.54 -5.87
CA ALA A 218 -11.26 15.63 -4.85
C ALA A 218 -10.65 16.40 -3.67
N TYR A 219 -9.86 17.46 -4.00
CA TYR A 219 -9.36 18.28 -2.90
C TYR A 219 -10.51 18.93 -2.09
N ARG A 220 -11.54 19.34 -2.80
CA ARG A 220 -12.71 19.94 -2.12
C ARG A 220 -13.47 18.94 -1.23
N VAL A 221 -13.57 17.71 -1.69
CA VAL A 221 -14.30 16.71 -0.87
C VAL A 221 -13.55 16.49 0.46
N ILE A 222 -12.24 16.33 0.40
CA ILE A 222 -11.51 16.06 1.62
C ILE A 222 -11.61 17.22 2.61
N LYS A 223 -11.52 18.45 2.10
CA LYS A 223 -11.68 19.59 2.98
C LYS A 223 -13.07 19.65 3.61
N ASP A 224 -14.09 19.39 2.79
CA ASP A 224 -15.45 19.36 3.33
C ASP A 224 -15.62 18.29 4.41
N LEU A 225 -15.00 17.12 4.23
CA LEU A 225 -15.19 16.07 5.24
C LEU A 225 -14.67 16.51 6.59
N VAL A 226 -13.54 17.20 6.62
CA VAL A 226 -13.01 17.68 7.91
C VAL A 226 -13.75 18.90 8.39
N ASP A 227 -13.98 19.87 7.51
CA ASP A 227 -14.69 21.08 7.99
C ASP A 227 -16.05 20.81 8.54
N SER A 228 -16.76 19.84 7.95
CA SER A 228 -18.13 19.48 8.37
C SER A 228 -18.15 18.61 9.62
N LYS A 229 -16.96 18.21 10.09
CA LYS A 229 -16.77 17.38 11.28
C LYS A 229 -17.25 15.94 11.03
N ALA A 230 -17.48 15.55 9.78
CA ALA A 230 -17.65 14.12 9.45
C ALA A 230 -16.34 13.37 9.69
N ALA A 231 -15.18 14.05 9.58
CA ALA A 231 -13.90 13.40 9.72
C ALA A 231 -12.98 14.28 10.55
N ILE A 232 -12.01 13.61 11.18
CA ILE A 232 -10.85 14.28 11.78
C ILE A 232 -9.59 13.87 11.09
N THR A 233 -8.53 14.69 11.24
CA THR A 233 -7.25 14.41 10.63
C THR A 233 -6.12 14.98 11.46
N ASP A 234 -4.89 14.67 11.05
CA ASP A 234 -3.68 15.25 11.68
C ASP A 234 -2.63 15.49 10.60
N ALA A 235 -1.84 16.56 10.74
CA ALA A 235 -0.82 16.88 9.75
C ALA A 235 0.46 16.07 9.96
N SER A 236 0.59 15.40 11.13
CA SER A 236 1.77 14.55 11.39
C SER A 236 1.37 13.26 12.12
N ASP A 237 2.31 12.32 12.15
CA ASP A 237 2.16 11.06 12.91
C ASP A 237 0.85 10.39 12.53
N GLY A 238 0.53 10.38 11.25
CA GLY A 238 -0.78 9.96 10.76
C GLY A 238 -1.07 8.49 10.97
N TRP A 239 -0.07 7.63 10.83
CA TRP A 239 -0.32 6.17 11.00
C TRP A 239 -0.74 5.93 12.44
N ASN A 240 0.04 6.39 13.41
CA ASN A 240 -0.29 6.21 14.81
C ASN A 240 -1.59 6.91 15.19
N ASN A 241 -1.78 8.12 14.71
CA ASN A 241 -3.01 8.83 15.05
C ASN A 241 -4.25 8.12 14.51
N MET A 242 -4.15 7.59 13.28
CA MET A 242 -5.27 6.87 12.68
C MET A 242 -5.61 5.59 13.46
N GLN A 243 -4.57 4.81 13.75
CA GLN A 243 -4.77 3.53 14.40
C GLN A 243 -5.28 3.77 15.80
N ASN A 244 -4.74 4.78 16.48
CA ASN A 244 -5.16 5.07 17.85
C ASN A 244 -6.62 5.55 17.87
N ALA A 245 -7.00 6.35 16.87
CA ALA A 245 -8.37 6.86 16.86
C ALA A 245 -9.38 5.76 16.57
N PHE A 246 -9.00 4.87 15.66
CA PHE A 246 -9.87 3.75 15.33
C PHE A 246 -9.95 2.74 16.51
N LYS A 247 -8.80 2.38 17.08
CA LYS A 247 -8.80 1.38 18.11
C LYS A 247 -9.44 1.92 19.40
N SER A 248 -9.41 3.23 19.65
CA SER A 248 -9.99 3.80 20.89
C SER A 248 -11.48 4.08 20.74
N GLY A 249 -12.03 3.92 19.53
CA GLY A 249 -13.46 4.24 19.28
C GLY A 249 -13.71 5.73 19.16
N LYS A 250 -12.65 6.53 18.96
CA LYS A 250 -12.80 7.98 18.70
C LYS A 250 -13.46 8.21 17.35
N VAL A 251 -13.16 7.32 16.41
CA VAL A 251 -13.85 7.31 15.09
C VAL A 251 -14.50 5.94 14.83
N ALA A 252 -15.51 5.91 13.97
CA ALA A 252 -16.18 4.68 13.60
C ALA A 252 -15.57 4.02 12.34
N MET A 253 -14.81 4.79 11.57
CA MET A 253 -14.33 4.35 10.23
C MET A 253 -12.94 4.90 9.96
N MET A 254 -12.21 4.14 9.17
CA MET A 254 -10.97 4.65 8.58
C MET A 254 -10.76 3.99 7.23
N VAL A 255 -9.96 4.63 6.36
CA VAL A 255 -9.51 3.95 5.15
C VAL A 255 -8.12 3.36 5.42
N ASN A 256 -7.94 2.09 5.10
CA ASN A 256 -6.65 1.46 5.41
C ASN A 256 -6.47 0.23 4.57
N GLY A 257 -5.38 -0.51 4.74
CA GLY A 257 -5.21 -1.68 3.91
C GLY A 257 -4.97 -2.97 4.76
N PRO A 258 -4.65 -4.09 4.10
CA PRO A 258 -4.46 -5.36 4.81
C PRO A 258 -3.35 -5.30 5.84
N TRP A 259 -2.35 -4.47 5.63
CA TRP A 259 -1.28 -4.33 6.62
C TRP A 259 -1.71 -3.79 7.98
N ALA A 260 -2.97 -3.35 8.07
CA ALA A 260 -3.52 -2.82 9.35
C ALA A 260 -4.29 -3.84 10.14
N ILE A 261 -4.63 -4.95 9.50
CA ILE A 261 -5.63 -5.89 10.09
C ILE A 261 -5.12 -6.40 11.45
N GLU A 262 -3.93 -7.00 11.50
CA GLU A 262 -3.47 -7.54 12.76
C GLU A 262 -3.21 -6.47 13.79
N ASP A 263 -2.74 -5.30 13.35
CA ASP A 263 -2.58 -4.22 14.27
C ASP A 263 -3.91 -3.86 14.91
N VAL A 264 -4.96 -3.78 14.08
CA VAL A 264 -6.28 -3.45 14.65
C VAL A 264 -6.76 -4.54 15.62
N LYS A 265 -6.59 -5.80 15.22
CA LYS A 265 -7.05 -6.93 16.06
C LYS A 265 -6.31 -7.07 17.38
N ALA A 266 -5.17 -6.42 17.55
CA ALA A 266 -4.49 -6.38 18.87
C ALA A 266 -5.30 -5.55 19.89
N GLY A 267 -6.23 -4.71 19.41
CA GLY A 267 -6.93 -3.78 20.26
C GLY A 267 -8.13 -4.45 20.93
N ALA A 268 -8.38 -4.05 22.19
CA ALA A 268 -9.53 -4.62 22.95
C ALA A 268 -10.83 -4.54 22.16
N ARG A 269 -11.01 -3.49 21.34
CA ARG A 269 -12.23 -3.30 20.67
C ARG A 269 -12.46 -4.25 19.49
N PHE A 270 -11.39 -4.91 19.03
CA PHE A 270 -11.47 -5.71 17.80
C PHE A 270 -10.85 -7.06 17.94
N LYS A 271 -10.78 -7.56 19.17
CA LYS A 271 -10.15 -8.89 19.40
C LYS A 271 -11.01 -9.84 18.68
N ASP A 272 -12.30 -9.67 19.03
CA ASP A 272 -13.47 -10.25 18.40
C ASP A 272 -13.28 -9.70 17.01
N ALA A 273 -12.57 -10.50 16.24
CA ALA A 273 -12.26 -10.22 14.86
C ALA A 273 -13.63 -9.78 14.31
N GLY A 274 -14.68 -10.36 14.88
CA GLY A 274 -16.01 -10.04 14.50
C GLY A 274 -16.49 -8.58 14.45
N ASN A 275 -15.94 -7.70 15.31
CA ASN A 275 -16.38 -6.28 15.35
C ASN A 275 -15.74 -5.41 14.26
N LEU A 276 -14.83 -6.02 13.49
CA LEU A 276 -14.07 -5.29 12.48
C LEU A 276 -14.77 -5.53 11.14
N GLY A 277 -15.46 -4.52 10.62
CA GLY A 277 -16.05 -4.62 9.29
C GLY A 277 -15.08 -4.03 8.27
N VAL A 278 -15.27 -4.48 7.02
CA VAL A 278 -14.48 -3.88 5.90
C VAL A 278 -15.41 -3.87 4.66
N ALA A 279 -15.27 -2.82 3.86
CA ALA A 279 -16.15 -2.59 2.71
C ALA A 279 -15.29 -1.78 1.71
N PRO A 280 -15.80 -1.55 0.48
CA PRO A 280 -15.02 -0.72 -0.46
C PRO A 280 -14.91 0.73 0.01
N VAL A 281 -13.81 1.38 -0.39
CA VAL A 281 -13.77 2.84 -0.16
C VAL A 281 -15.03 3.46 -0.82
N PRO A 282 -15.52 4.57 -0.23
CA PRO A 282 -16.79 5.13 -0.79
C PRO A 282 -16.60 5.72 -2.19
N ALA A 283 -17.65 5.60 -3.00
CA ALA A 283 -17.80 6.27 -4.29
C ALA A 283 -17.81 7.75 -4.06
N GLY A 284 -17.34 8.50 -5.07
CA GLY A 284 -17.56 9.98 -5.08
C GLY A 284 -18.68 10.34 -6.08
N SER A 285 -18.62 11.57 -6.58
CA SER A 285 -19.75 12.04 -7.39
C SER A 285 -19.77 11.39 -8.78
N ALA A 286 -18.67 10.75 -9.19
CA ALA A 286 -18.59 10.21 -10.56
C ALA A 286 -18.53 8.71 -10.60
N GLY A 287 -18.01 8.08 -9.57
CA GLY A 287 -17.74 6.60 -9.65
C GLY A 287 -16.94 6.26 -8.39
N GLN A 288 -16.14 5.22 -8.46
CA GLN A 288 -15.45 4.70 -7.26
C GLN A 288 -14.17 4.04 -7.72
N GLY A 289 -13.12 4.11 -6.91
CA GLY A 289 -11.89 3.34 -7.22
C GLY A 289 -10.96 3.36 -6.02
N SER A 290 -10.05 2.41 -6.02
CA SER A 290 -9.03 2.36 -4.97
CA SER A 290 -9.04 2.38 -4.96
C SER A 290 -7.72 1.94 -5.62
N PRO A 291 -6.57 2.45 -5.13
CA PRO A 291 -5.28 2.17 -5.78
C PRO A 291 -4.73 0.77 -5.53
N GLN A 292 -3.94 0.25 -6.46
CA GLN A 292 -3.19 -1.00 -6.27
C GLN A 292 -1.82 -0.70 -5.70
N GLY A 293 -1.46 -1.40 -4.64
CA GLY A 293 -0.15 -1.25 -4.03
C GLY A 293 0.42 -2.64 -3.76
N GLY A 294 1.45 -2.67 -2.94
CA GLY A 294 2.05 -3.94 -2.61
C GLY A 294 3.55 -3.93 -2.58
N TRP A 295 4.08 -5.14 -2.44
CA TRP A 295 5.51 -5.36 -2.19
C TRP A 295 6.02 -6.50 -3.02
N ASN A 296 7.24 -6.30 -3.50
CA ASN A 296 7.96 -7.33 -4.27
C ASN A 296 9.26 -7.62 -3.54
N LEU A 297 10.04 -8.59 -4.05
CA LEU A 297 11.36 -8.90 -3.50
C LEU A 297 12.39 -8.79 -4.58
N SER A 298 13.48 -8.07 -4.29
CA SER A 298 14.57 -7.87 -5.25
CA SER A 298 14.55 -7.90 -5.26
C SER A 298 15.90 -8.23 -4.64
N VAL A 299 16.90 -8.40 -5.53
CA VAL A 299 18.27 -8.69 -5.12
C VAL A 299 19.17 -7.50 -5.50
N TYR A 300 19.99 -7.06 -4.56
CA TYR A 300 20.96 -5.99 -4.82
C TYR A 300 21.94 -6.45 -5.90
N ALA A 301 22.13 -5.57 -6.88
CA ALA A 301 23.04 -5.82 -8.02
C ALA A 301 24.43 -6.21 -7.57
N GLY A 302 24.89 -5.59 -6.49
CA GLY A 302 26.23 -5.86 -5.97
C GLY A 302 26.38 -6.93 -4.89
N SER A 303 25.37 -7.79 -4.71
CA SER A 303 25.39 -8.85 -3.72
C SER A 303 26.61 -9.76 -3.91
N LYS A 304 27.23 -10.16 -2.79
CA LYS A 304 28.36 -11.08 -2.78
C LYS A 304 27.89 -12.49 -2.44
N ASN A 305 26.57 -12.73 -2.53
CA ASN A 305 26.06 -14.06 -2.28
C ASN A 305 24.87 -14.31 -3.13
N LEU A 306 25.08 -14.24 -4.44
CA LEU A 306 23.99 -14.23 -5.38
C LEU A 306 23.18 -15.53 -5.42
N ASP A 307 23.83 -16.70 -5.42
CA ASP A 307 23.00 -17.94 -5.48
C ASP A 307 22.09 -18.06 -4.29
N ALA A 308 22.63 -17.81 -3.11
CA ALA A 308 21.87 -17.95 -1.89
C ALA A 308 20.73 -16.91 -1.90
N SER A 309 20.98 -15.73 -2.46
CA SER A 309 19.95 -14.65 -2.51
C SER A 309 18.80 -15.00 -3.48
N TYR A 310 19.12 -15.51 -4.67
CA TYR A 310 18.08 -15.96 -5.61
C TYR A 310 17.20 -17.03 -4.98
N ALA A 311 17.82 -18.00 -4.32
CA ALA A 311 17.07 -19.08 -3.69
C ALA A 311 16.23 -18.50 -2.56
N PHE A 312 16.79 -17.53 -1.84
CA PHE A 312 16.02 -16.89 -0.75
C PHE A 312 14.77 -16.19 -1.30
N VAL A 313 14.92 -15.49 -2.43
CA VAL A 313 13.77 -14.84 -3.07
C VAL A 313 12.74 -15.88 -3.54
N LYS A 314 13.20 -16.99 -4.13
CA LYS A 314 12.31 -18.07 -4.57
C LYS A 314 11.53 -18.62 -3.39
N TYR A 315 12.24 -18.86 -2.28
CA TYR A 315 11.61 -19.36 -1.05
C TYR A 315 10.57 -18.34 -0.51
N MET A 316 11.00 -17.08 -0.37
CA MET A 316 10.07 -16.11 0.25
C MET A 316 8.82 -15.85 -0.60
N SER A 317 8.88 -16.13 -1.89
CA SER A 317 7.75 -15.90 -2.78
C SER A 317 7.02 -17.19 -3.15
N SER A 318 7.45 -18.32 -2.60
CA SER A 318 6.85 -19.60 -2.88
C SER A 318 5.41 -19.64 -2.38
N ALA A 319 4.61 -20.50 -2.98
CA ALA A 319 3.25 -20.68 -2.54
C ALA A 319 3.13 -20.98 -1.04
N LYS A 320 4.04 -21.83 -0.54
CA LYS A 320 4.00 -22.17 0.89
C LYS A 320 4.16 -20.94 1.80
N VAL A 321 5.12 -20.09 1.49
CA VAL A 321 5.39 -18.94 2.35
C VAL A 321 4.29 -17.87 2.17
N GLN A 322 3.80 -17.72 0.94
CA GLN A 322 2.67 -16.80 0.75
C GLN A 322 1.43 -17.27 1.51
N GLN A 323 1.21 -18.58 1.55
CA GLN A 323 0.08 -19.12 2.31
C GLN A 323 0.29 -18.83 3.82
N GLN A 324 1.48 -19.15 4.33
CA GLN A 324 1.75 -18.85 5.72
C GLN A 324 1.54 -17.37 6.10
N THR A 325 2.00 -16.45 5.23
CA THR A 325 1.81 -15.01 5.47
C THR A 325 0.32 -14.64 5.66
N THR A 326 -0.51 -15.20 4.83
CA THR A 326 -1.96 -14.96 4.93
C THR A 326 -2.53 -15.53 6.21
N GLU A 327 -2.07 -16.73 6.56
CA GLU A 327 -2.57 -17.40 7.78
C GLU A 327 -2.22 -16.62 9.05
N LYS A 328 -1.09 -15.96 9.04
CA LYS A 328 -0.61 -15.23 10.18
C LYS A 328 -1.02 -13.74 10.18
N LEU A 329 -1.17 -13.14 8.97
CA LEU A 329 -1.29 -11.69 8.84
C LEU A 329 -2.45 -11.23 8.00
N SER A 330 -3.03 -12.12 7.20
CA SER A 330 -4.18 -11.77 6.32
C SER A 330 -3.70 -10.89 5.16
N LEU A 331 -2.38 -10.84 4.91
CA LEU A 331 -1.88 -10.15 3.71
C LEU A 331 -2.22 -10.95 2.48
N LEU A 332 -2.41 -10.30 1.33
CA LEU A 332 -2.92 -10.97 0.16
C LEU A 332 -1.83 -11.55 -0.74
N PRO A 333 -1.92 -12.85 -1.09
CA PRO A 333 -0.93 -13.47 -1.96
C PRO A 333 -0.95 -12.90 -3.35
N THR A 334 0.19 -12.98 -4.02
CA THR A 334 0.27 -12.60 -5.41
C THR A 334 0.07 -13.79 -6.32
N ARG A 335 0.19 -14.98 -5.74
CA ARG A 335 0.05 -16.23 -6.46
C ARG A 335 -1.40 -16.75 -6.50
N THR A 336 -1.90 -16.90 -7.72
CA THR A 336 -3.27 -17.33 -7.96
C THR A 336 -3.57 -18.66 -7.31
N SER A 337 -2.62 -19.62 -7.41
CA SER A 337 -2.78 -20.94 -6.79
C SER A 337 -3.09 -20.90 -5.28
N VAL A 338 -2.60 -19.85 -4.61
CA VAL A 338 -2.69 -19.78 -3.17
C VAL A 338 -4.10 -19.44 -2.72
N TYR A 339 -4.81 -18.68 -3.58
CA TYR A 339 -6.21 -18.39 -3.36
C TYR A 339 -7.10 -19.64 -3.31
N GLU A 340 -6.62 -20.73 -3.95
CA GLU A 340 -7.37 -22.01 -4.14
C GLU A 340 -7.14 -22.95 -3.01
N VAL A 341 -6.15 -22.63 -2.20
CA VAL A 341 -5.86 -23.42 -1.03
C VAL A 341 -7.00 -23.12 -0.09
N PRO A 342 -7.74 -24.17 0.32
CA PRO A 342 -8.91 -23.93 1.14
C PRO A 342 -8.69 -22.97 2.27
N SER A 343 -7.53 -23.01 2.93
CA SER A 343 -7.22 -22.05 4.04
C SER A 343 -7.18 -20.51 3.65
N VAL A 344 -6.84 -20.22 2.41
CA VAL A 344 -6.77 -18.84 1.99
C VAL A 344 -8.17 -18.47 1.47
N ALA A 345 -8.76 -19.41 0.74
CA ALA A 345 -10.09 -19.25 0.14
C ALA A 345 -11.21 -18.85 1.13
N ASP A 346 -11.04 -19.11 2.46
CA ASP A 346 -12.01 -18.84 3.58
C ASP A 346 -11.71 -17.75 4.65
N ASN A 347 -10.58 -17.03 4.54
CA ASN A 347 -10.25 -15.92 5.43
C ASN A 347 -11.19 -14.76 5.02
N GLU A 348 -11.98 -14.25 5.96
CA GLU A 348 -13.02 -13.25 5.63
C GLU A 348 -12.41 -11.91 5.19
N MET A 349 -11.25 -11.57 5.73
CA MET A 349 -10.56 -10.37 5.21
C MET A 349 -10.12 -10.58 3.76
N VAL A 350 -9.55 -11.73 3.46
CA VAL A 350 -9.23 -12.13 2.11
C VAL A 350 -10.38 -12.19 1.10
N LYS A 351 -11.47 -12.84 1.49
CA LYS A 351 -12.60 -12.92 0.55
C LYS A 351 -13.10 -11.51 0.17
N PHE A 352 -12.96 -10.55 1.08
CA PHE A 352 -13.32 -9.14 0.74
C PHE A 352 -12.23 -8.47 -0.13
N PHE A 353 -10.97 -8.58 0.32
CA PHE A 353 -9.91 -7.82 -0.32
C PHE A 353 -9.55 -8.33 -1.70
N LYS A 354 -9.68 -9.64 -1.98
CA LYS A 354 -9.22 -10.09 -3.28
C LYS A 354 -10.00 -9.46 -4.44
N PRO A 355 -11.36 -9.50 -4.36
CA PRO A 355 -12.13 -8.82 -5.42
C PRO A 355 -11.81 -7.30 -5.54
N ALA A 356 -11.57 -6.68 -4.41
CA ALA A 356 -11.21 -5.26 -4.40
C ALA A 356 -9.86 -5.00 -5.09
N VAL A 357 -8.90 -5.89 -4.83
CA VAL A 357 -7.64 -5.82 -5.52
C VAL A 357 -7.84 -6.05 -7.01
N ASP A 358 -8.69 -7.01 -7.40
CA ASP A 358 -8.90 -7.25 -8.85
C ASP A 358 -9.39 -5.96 -9.57
N LYS A 359 -10.13 -5.12 -8.84
CA LYS A 359 -10.66 -3.86 -9.37
C LYS A 359 -9.72 -2.66 -9.24
N ALA A 360 -8.69 -2.83 -8.43
CA ALA A 360 -7.84 -1.67 -8.08
C ALA A 360 -7.18 -1.05 -9.30
N VAL A 361 -6.96 0.26 -9.21
CA VAL A 361 -6.39 1.03 -10.33
C VAL A 361 -4.88 0.87 -10.41
N GLU A 362 -4.36 0.54 -11.61
CA GLU A 362 -2.93 0.33 -11.78
C GLU A 362 -2.23 1.56 -12.32
N ARG A 363 -1.18 1.96 -11.63
CA ARG A 363 -0.42 3.14 -12.02
C ARG A 363 0.58 2.87 -13.12
N PRO A 364 1.12 3.95 -13.70
CA PRO A 364 2.28 3.82 -14.58
C PRO A 364 3.46 3.33 -13.77
N TRP A 365 4.06 2.23 -14.21
CA TRP A 365 5.26 1.68 -13.56
C TRP A 365 6.48 2.33 -14.16
N ILE A 366 6.68 3.59 -13.80
CA ILE A 366 7.78 4.40 -14.34
C ILE A 366 8.78 4.77 -13.26
N ALA A 367 10.00 5.14 -13.66
CA ALA A 367 11.04 5.51 -12.71
C ALA A 367 10.55 6.59 -11.74
N GLU A 368 9.77 7.56 -12.26
CA GLU A 368 9.26 8.72 -11.51
C GLU A 368 7.97 8.49 -10.76
N GLY A 369 7.40 7.29 -10.90
CA GLY A 369 6.10 7.00 -10.31
C GLY A 369 5.96 7.41 -8.86
N ASN A 370 6.90 7.03 -8.00
CA ASN A 370 6.70 7.36 -6.60
C ASN A 370 6.86 8.84 -6.27
N ALA A 371 7.59 9.56 -7.14
CA ALA A 371 7.70 10.99 -6.99
C ALA A 371 6.38 11.71 -7.28
N LEU A 372 5.42 11.05 -7.91
CA LEU A 372 4.08 11.68 -8.12
C LEU A 372 3.35 11.90 -6.80
N PHE A 373 3.80 11.28 -5.73
CA PHE A 373 3.11 11.39 -4.48
C PHE A 373 3.47 12.63 -3.70
N GLU A 374 4.67 13.15 -3.95
CA GLU A 374 5.10 14.23 -3.09
C GLU A 374 4.24 15.56 -3.32
N PRO A 375 3.97 15.91 -4.58
CA PRO A 375 3.17 17.11 -4.81
C PRO A 375 1.79 16.91 -4.17
N ILE A 376 1.20 15.71 -4.30
CA ILE A 376 -0.05 15.52 -3.64
C ILE A 376 0.11 15.75 -2.13
N ARG A 377 1.20 15.24 -1.50
CA ARG A 377 1.37 15.35 -0.08
C ARG A 377 1.28 16.80 0.31
N LEU A 378 2.06 17.64 -0.36
CA LEU A 378 2.13 19.03 0.07
C LEU A 378 0.82 19.78 -0.19
N GLN A 379 0.22 19.56 -1.35
CA GLN A 379 -0.98 20.30 -1.65
C GLN A 379 -2.15 19.78 -0.79
N MET A 380 -2.23 18.46 -0.55
CA MET A 380 -3.29 17.96 0.30
C MET A 380 -3.15 18.53 1.71
N ALA A 381 -1.91 18.64 2.25
CA ALA A 381 -1.77 19.21 3.57
C ALA A 381 -2.28 20.65 3.60
N ASN A 382 -1.91 21.44 2.57
CA ASN A 382 -2.32 22.84 2.54
C ASN A 382 -3.81 23.07 2.26
N VAL A 383 -4.41 22.15 1.55
CA VAL A 383 -5.88 22.20 1.39
C VAL A 383 -6.54 21.94 2.77
N LEU A 384 -6.04 20.91 3.48
CA LEU A 384 -6.69 20.58 4.78
C LEU A 384 -6.52 21.70 5.77
N SER A 385 -5.39 22.43 5.74
CA SER A 385 -5.20 23.49 6.72
C SER A 385 -5.81 24.84 6.30
N GLY A 386 -6.35 24.89 5.09
CA GLY A 386 -6.94 26.09 4.54
C GLY A 386 -5.96 27.08 3.91
N GLU A 387 -4.69 26.69 3.77
CA GLU A 387 -3.70 27.58 3.16
C GLU A 387 -3.83 27.68 1.66
N THR A 388 -4.42 26.65 1.06
CA THR A 388 -4.47 26.56 -0.39
C THR A 388 -5.87 26.10 -0.77
N SER A 389 -6.47 26.77 -1.76
CA SER A 389 -7.79 26.33 -2.27
C SER A 389 -7.71 25.00 -3.05
N PRO A 390 -8.82 24.26 -3.13
CA PRO A 390 -8.85 23.12 -4.04
C PRO A 390 -8.45 23.44 -5.46
N ASP A 391 -8.90 24.59 -5.99
CA ASP A 391 -8.54 24.98 -7.33
CA ASP A 391 -8.52 24.92 -7.34
C ASP A 391 -7.02 25.16 -7.52
N GLU A 392 -6.41 25.90 -6.60
CA GLU A 392 -4.97 26.11 -6.68
C GLU A 392 -4.21 24.80 -6.45
N ALA A 393 -4.70 24.00 -5.50
CA ALA A 393 -4.05 22.72 -5.21
C ALA A 393 -3.99 21.81 -6.42
N ALA A 394 -5.12 21.70 -7.15
CA ALA A 394 -5.11 20.83 -8.32
C ALA A 394 -4.12 21.35 -9.37
N ALA A 395 -4.17 22.67 -9.63
CA ALA A 395 -3.27 23.22 -10.66
C ALA A 395 -1.81 23.03 -10.22
N ASN A 396 -1.52 23.26 -8.94
CA ASN A 396 -0.14 23.10 -8.45
C ASN A 396 0.34 21.64 -8.61
N THR A 397 -0.57 20.68 -8.39
CA THR A 397 -0.23 19.27 -8.53
C THR A 397 0.13 18.98 -9.96
N GLY A 398 -0.72 19.45 -10.85
CA GLY A 398 -0.45 19.26 -12.28
C GLY A 398 0.86 19.90 -12.74
N ASP A 399 1.11 21.14 -12.30
CA ASP A 399 2.37 21.83 -12.64
C ASP A 399 3.56 20.99 -12.17
N ALA A 400 3.46 20.44 -10.97
CA ALA A 400 4.57 19.62 -10.47
C ALA A 400 4.76 18.37 -11.31
N TYR A 401 3.67 17.72 -11.71
CA TYR A 401 3.77 16.58 -12.60
C TYR A 401 4.42 16.91 -13.95
N ARG A 402 4.08 18.04 -14.56
CA ARG A 402 4.68 18.42 -15.82
CA ARG A 402 4.66 18.41 -15.85
C ARG A 402 6.14 18.64 -15.69
N LYS A 403 6.56 19.15 -14.54
CA LYS A 403 8.02 19.32 -14.30
C LYS A 403 8.75 17.96 -14.15
N LEU A 404 8.10 17.02 -13.48
CA LEU A 404 8.64 15.69 -13.23
C LEU A 404 8.69 14.82 -14.45
N LEU A 405 7.71 14.97 -15.32
CA LEU A 405 7.56 14.11 -16.50
C LEU A 405 7.73 14.97 -17.75
N LYS A 406 8.98 15.12 -18.22
CA LYS A 406 9.29 16.04 -19.33
C LYS A 406 8.63 15.72 -20.69
N ASP A 407 8.37 14.45 -20.95
CA ASP A 407 7.67 14.05 -22.17
C ASP A 407 6.18 13.79 -21.91
N TYR A 408 5.63 14.43 -20.87
CA TYR A 408 4.18 14.50 -20.68
C TYR A 408 3.73 15.94 -21.00
N LYS A 409 2.53 16.07 -21.55
CA LYS A 409 1.94 17.38 -21.77
C LYS A 409 0.97 17.67 -20.63
#